data_1EXZ
#
_entry.id   1EXZ
#
_cell.length_a   36.154
_cell.length_b   87.526
_cell.length_c   79.434
_cell.angle_alpha   90.00
_cell.angle_beta   97.76
_cell.angle_gamma   90.00
#
_symmetry.space_group_name_H-M   'P 1 21 1'
#
loop_
_entity.id
_entity.type
_entity.pdbx_description
1 polymer 'STEM CELL FACTOR'
2 non-polymer 'CALCIUM ION'
3 non-polymer 'SAMARIUM (III) ION'
4 non-polymer 2-AMINO-2-HYDROXYMETHYL-PROPANE-1,3-DIOL
5 water water
#
_entity_poly.entity_id   1
_entity_poly.type   'polypeptide(L)'
_entity_poly.pdbx_seq_one_letter_code
;EGICRNRVTNNVKDVTKLVANLPKDYMITLKYVPGMDVLPSHCWISEMVVQLSDSLTDLLDKFSNISEGLSNYSIIDKLV
NIVDDLVECVKENSSKDLKKSFKSPEPRLFTPEEFFRIFNRSIDAFKDFVVASETSDCVVS
;
_entity_poly.pdbx_strand_id   A,B,C,D
#
loop_
_chem_comp.id
_chem_comp.type
_chem_comp.name
_chem_comp.formula
CA non-polymer 'CALCIUM ION' 'Ca 2'
SM non-polymer 'SAMARIUM (III) ION' 'Sm 3'
TRS non-polymer 2-AMINO-2-HYDROXYMETHYL-PROPANE-1,3-DIOL 'C4 H12 N O3 1'
#
# COMPACT_ATOMS: atom_id res chain seq x y z
N CYS A 4 28.41 -5.89 22.09
CA CYS A 4 29.07 -7.02 21.36
C CYS A 4 29.51 -6.56 19.98
N ARG A 5 30.62 -5.83 19.92
CA ARG A 5 31.19 -5.31 18.67
C ARG A 5 30.43 -5.74 17.42
N ASN A 6 30.47 -7.04 17.14
CA ASN A 6 29.78 -7.60 15.98
C ASN A 6 28.29 -7.76 16.31
N ARG A 7 27.45 -6.94 15.66
CA ARG A 7 26.01 -6.96 15.88
C ARG A 7 25.26 -7.51 14.67
N VAL A 8 25.99 -7.84 13.61
CA VAL A 8 25.39 -8.38 12.39
C VAL A 8 24.51 -7.34 11.67
N THR A 9 24.70 -6.08 12.02
CA THR A 9 23.93 -4.98 11.43
C THR A 9 22.47 -5.37 11.19
N ASN A 10 21.64 -5.09 12.17
CA ASN A 10 20.22 -5.40 12.07
C ASN A 10 19.41 -4.13 11.85
N ASN A 11 19.96 -3.22 11.05
CA ASN A 11 19.28 -1.95 10.77
C ASN A 11 17.83 -2.12 10.34
N VAL A 12 17.04 -1.08 10.63
CA VAL A 12 15.62 -1.07 10.32
C VAL A 12 15.36 -1.22 8.82
N LYS A 13 16.43 -1.40 8.05
CA LYS A 13 16.31 -1.58 6.62
C LYS A 13 15.30 -2.69 6.34
N ASP A 14 15.59 -3.89 6.84
CA ASP A 14 14.72 -5.03 6.66
C ASP A 14 13.55 -5.01 7.65
N VAL A 15 13.76 -4.42 8.82
CA VAL A 15 12.71 -4.33 9.84
C VAL A 15 11.56 -3.47 9.32
N THR A 16 11.91 -2.34 8.71
CA THR A 16 10.93 -1.43 8.15
C THR A 16 10.08 -2.15 7.11
N LYS A 17 10.71 -2.99 6.30
CA LYS A 17 9.99 -3.75 5.30
C LYS A 17 9.05 -4.73 6.00
N LEU A 18 9.58 -5.48 6.96
CA LEU A 18 8.78 -6.45 7.71
C LEU A 18 7.53 -5.80 8.30
N VAL A 19 7.72 -4.68 8.99
CA VAL A 19 6.62 -3.95 9.59
C VAL A 19 5.61 -3.48 8.52
N ALA A 20 6.09 -3.18 7.33
CA ALA A 20 5.21 -2.73 6.27
C ALA A 20 4.32 -3.88 5.78
N ASN A 21 4.79 -5.10 6.00
CA ASN A 21 4.05 -6.28 5.56
C ASN A 21 3.40 -7.14 6.63
N LEU A 22 3.36 -6.64 7.85
CA LEU A 22 2.70 -7.35 8.94
C LEU A 22 1.44 -6.54 9.25
N PRO A 23 0.29 -7.19 9.37
CA PRO A 23 -0.92 -6.41 9.67
C PRO A 23 -0.80 -5.54 10.92
N LYS A 24 -1.32 -4.32 10.84
CA LYS A 24 -1.26 -3.38 11.96
C LYS A 24 -1.95 -3.85 13.24
N ASP A 25 -3.06 -4.56 13.08
CA ASP A 25 -3.83 -5.06 14.23
C ASP A 25 -3.43 -6.48 14.64
N TYR A 26 -2.27 -6.94 14.17
CA TYR A 26 -1.81 -8.28 14.53
C TYR A 26 -0.90 -8.18 15.76
N MET A 27 -1.36 -8.74 16.86
CA MET A 27 -0.62 -8.70 18.10
C MET A 27 0.45 -9.78 18.25
N ILE A 28 1.67 -9.35 18.53
CA ILE A 28 2.81 -10.23 18.73
C ILE A 28 3.04 -10.30 20.24
N THR A 29 3.26 -11.49 20.78
CA THR A 29 3.50 -11.66 22.21
C THR A 29 4.98 -11.58 22.57
N LEU A 30 5.27 -10.86 23.64
CA LEU A 30 6.64 -10.69 24.11
C LEU A 30 6.68 -10.54 25.63
N LYS A 31 7.52 -11.34 26.28
CA LYS A 31 7.67 -11.24 27.72
C LYS A 31 8.61 -10.07 27.91
N TYR A 32 8.00 -8.89 28.01
CA TYR A 32 8.69 -7.62 28.19
C TYR A 32 9.39 -7.51 29.54
N VAL A 33 10.62 -7.05 29.55
CA VAL A 33 11.33 -6.86 30.81
C VAL A 33 11.00 -5.45 31.28
N PRO A 34 10.20 -5.33 32.35
CA PRO A 34 9.85 -4.00 32.87
C PRO A 34 11.10 -3.28 33.35
N GLY A 35 11.17 -1.98 33.10
CA GLY A 35 12.32 -1.20 33.51
C GLY A 35 13.22 -0.88 32.33
N MET A 36 12.97 -1.58 31.22
CA MET A 36 13.74 -1.40 29.99
C MET A 36 13.75 0.04 29.50
N ASP A 37 12.75 0.81 29.93
CA ASP A 37 12.62 2.19 29.50
C ASP A 37 13.19 3.21 30.48
N VAL A 38 13.88 2.73 31.53
CA VAL A 38 14.45 3.62 32.55
C VAL A 38 15.76 3.11 33.13
N LEU A 39 15.85 1.80 33.31
CA LEU A 39 17.05 1.20 33.87
C LEU A 39 18.20 1.16 32.87
N PRO A 40 19.43 1.05 33.37
CA PRO A 40 20.58 0.99 32.47
C PRO A 40 20.49 -0.35 31.74
N SER A 41 21.09 -0.42 30.55
CA SER A 41 21.04 -1.63 29.74
C SER A 41 21.54 -2.91 30.39
N HIS A 42 22.61 -2.82 31.17
CA HIS A 42 23.16 -4.01 31.80
C HIS A 42 22.17 -4.67 32.74
N CYS A 43 21.07 -3.97 33.02
CA CYS A 43 20.06 -4.49 33.92
C CYS A 43 18.97 -5.26 33.19
N TRP A 44 18.89 -5.12 31.87
CA TRP A 44 17.84 -5.80 31.14
C TRP A 44 18.17 -6.40 29.77
N ILE A 45 19.24 -5.91 29.15
CA ILE A 45 19.60 -6.38 27.82
C ILE A 45 19.68 -7.89 27.67
N SER A 46 20.21 -8.57 28.68
CA SER A 46 20.33 -10.03 28.64
C SER A 46 18.99 -10.74 28.48
N GLU A 47 18.04 -10.42 29.35
CA GLU A 47 16.74 -11.07 29.29
C GLU A 47 15.94 -10.61 28.08
N MET A 48 16.08 -9.34 27.69
CA MET A 48 15.35 -8.84 26.55
C MET A 48 15.75 -9.56 25.26
N VAL A 49 17.05 -9.75 25.10
CA VAL A 49 17.57 -10.42 23.93
C VAL A 49 17.07 -11.87 23.86
N VAL A 50 16.97 -12.53 25.01
CA VAL A 50 16.48 -13.91 25.09
C VAL A 50 15.00 -13.98 24.73
N GLN A 51 14.24 -12.98 25.19
CA GLN A 51 12.80 -12.96 24.93
C GLN A 51 12.50 -12.57 23.48
N LEU A 52 13.28 -11.65 22.92
CA LEU A 52 13.05 -11.25 21.52
C LEU A 52 13.32 -12.48 20.67
N SER A 53 14.34 -13.25 21.03
CA SER A 53 14.68 -14.47 20.29
C SER A 53 13.54 -15.48 20.25
N ASP A 54 12.93 -15.71 21.41
CA ASP A 54 11.82 -16.65 21.49
C ASP A 54 10.57 -16.16 20.77
N SER A 55 10.30 -14.86 20.84
CA SER A 55 9.13 -14.33 20.17
C SER A 55 9.30 -14.43 18.66
N LEU A 56 10.48 -14.03 18.19
CA LEU A 56 10.79 -14.05 16.76
C LEU A 56 10.76 -15.46 16.21
N THR A 57 11.33 -16.40 16.97
CA THR A 57 11.35 -17.80 16.52
C THR A 57 9.93 -18.32 16.42
N ASP A 58 9.10 -17.99 17.40
CA ASP A 58 7.70 -18.42 17.39
C ASP A 58 6.94 -17.73 16.26
N LEU A 59 7.35 -16.51 15.93
CA LEU A 59 6.71 -15.73 14.87
C LEU A 59 7.08 -16.33 13.53
N LEU A 60 8.30 -16.85 13.46
CA LEU A 60 8.83 -17.46 12.26
C LEU A 60 8.01 -18.68 11.80
N ASP A 61 7.50 -19.45 12.74
CA ASP A 61 6.72 -20.64 12.38
C ASP A 61 5.37 -20.28 11.78
N LYS A 62 4.98 -19.01 11.92
CA LYS A 62 3.69 -18.55 11.41
C LYS A 62 3.68 -18.17 9.93
N PHE A 63 4.86 -18.20 9.31
CA PHE A 63 4.97 -17.86 7.89
C PHE A 63 5.59 -18.99 7.10
N SER A 64 5.26 -19.08 5.82
CA SER A 64 5.81 -20.12 4.95
C SER A 64 6.95 -19.52 4.14
N ASN A 65 7.86 -20.38 3.70
CA ASN A 65 9.03 -19.93 2.95
C ASN A 65 8.74 -19.47 1.51
N ILE A 66 9.68 -18.70 0.97
CA ILE A 66 9.67 -18.13 -0.39
C ILE A 66 10.79 -17.07 -0.42
N SER A 67 11.87 -17.35 0.30
CA SER A 67 13.02 -16.45 0.44
C SER A 67 13.66 -15.90 -0.83
N GLU A 68 12.97 -16.02 -1.96
CA GLU A 68 13.50 -15.51 -3.22
C GLU A 68 12.92 -14.13 -3.57
N GLY A 69 12.81 -13.25 -2.58
CA GLY A 69 12.27 -11.93 -2.82
C GLY A 69 11.87 -11.18 -1.56
N LEU A 70 12.68 -11.31 -0.51
CA LEU A 70 12.45 -10.65 0.78
C LEU A 70 11.06 -10.89 1.38
N SER A 71 10.74 -12.16 1.65
CA SER A 71 9.46 -12.50 2.24
C SER A 71 9.55 -12.28 3.76
N ASN A 72 8.41 -12.28 4.43
CA ASN A 72 8.41 -12.10 5.87
C ASN A 72 9.24 -13.21 6.49
N TYR A 73 9.02 -14.43 6.04
CA TYR A 73 9.75 -15.59 6.56
C TYR A 73 11.26 -15.35 6.54
N SER A 74 11.77 -14.94 5.39
CA SER A 74 13.19 -14.70 5.20
C SER A 74 13.76 -13.60 6.09
N ILE A 75 13.05 -12.49 6.17
CA ILE A 75 13.50 -11.36 6.98
C ILE A 75 13.54 -11.74 8.46
N ILE A 76 12.48 -12.40 8.92
CA ILE A 76 12.38 -12.84 10.30
C ILE A 76 13.52 -13.81 10.60
N ASP A 77 13.72 -14.78 9.72
CA ASP A 77 14.80 -15.75 9.90
C ASP A 77 16.10 -14.97 10.06
N LYS A 78 16.27 -13.93 9.25
CA LYS A 78 17.47 -13.11 9.33
C LYS A 78 17.57 -12.42 10.70
N LEU A 79 16.42 -12.02 11.25
CA LEU A 79 16.41 -11.36 12.55
C LEU A 79 16.57 -12.37 13.69
N VAL A 80 16.08 -13.59 13.46
CA VAL A 80 16.22 -14.63 14.47
C VAL A 80 17.70 -14.90 14.71
N ASN A 81 18.45 -15.00 13.62
CA ASN A 81 19.88 -15.28 13.72
C ASN A 81 20.68 -14.16 14.39
N ILE A 82 20.35 -12.92 14.09
CA ILE A 82 21.05 -11.80 14.72
C ILE A 82 20.89 -11.84 16.23
N VAL A 83 19.66 -12.01 16.69
CA VAL A 83 19.36 -12.02 18.12
C VAL A 83 19.94 -13.25 18.83
N ASP A 84 19.93 -14.40 18.17
CA ASP A 84 20.50 -15.60 18.77
C ASP A 84 21.98 -15.40 19.05
N ASP A 85 22.69 -14.77 18.12
CA ASP A 85 24.12 -14.54 18.33
C ASP A 85 24.34 -13.53 19.44
N LEU A 86 23.43 -12.57 19.59
CA LEU A 86 23.57 -11.59 20.65
C LEU A 86 23.37 -12.35 21.96
N VAL A 87 22.50 -13.35 21.93
CA VAL A 87 22.25 -14.16 23.10
C VAL A 87 23.56 -14.85 23.45
N GLU A 88 24.20 -15.43 22.44
CA GLU A 88 25.47 -16.13 22.64
C GLU A 88 26.45 -15.20 23.33
N CYS A 89 26.71 -14.06 22.72
CA CYS A 89 27.64 -13.10 23.29
C CYS A 89 27.34 -12.80 24.76
N VAL A 90 26.14 -12.31 25.02
CA VAL A 90 25.73 -11.98 26.38
C VAL A 90 26.10 -13.06 27.41
N LYS A 91 25.86 -14.32 27.08
CA LYS A 91 26.19 -15.42 27.98
C LYS A 91 27.69 -15.59 28.09
N GLU A 92 28.40 -15.26 27.03
CA GLU A 92 29.85 -15.40 26.99
C GLU A 92 30.58 -14.19 27.55
N ASN A 93 30.10 -13.00 27.23
CA ASN A 93 30.73 -11.76 27.71
C ASN A 93 30.00 -11.19 28.91
N SER A 94 29.83 -12.01 29.94
CA SER A 94 29.13 -11.61 31.15
C SER A 94 30.06 -11.09 32.25
N SER A 95 29.68 -9.94 32.81
CA SER A 95 30.44 -9.27 33.86
C SER A 95 29.81 -7.88 34.02
N LYS A 96 29.42 -7.54 35.25
CA LYS A 96 28.78 -6.25 35.52
C LYS A 96 27.42 -6.26 34.82
N ASP A 97 27.23 -7.31 34.01
CA ASP A 97 26.02 -7.53 33.23
C ASP A 97 25.22 -8.64 33.92
N LEU A 98 23.92 -8.42 34.12
CA LEU A 98 23.09 -9.42 34.78
C LEU A 98 22.94 -10.70 33.97
N LYS A 99 24.05 -11.33 33.62
CA LYS A 99 24.05 -12.55 32.84
C LYS A 99 22.96 -13.49 33.33
N LYS A 100 21.83 -13.50 32.64
CA LYS A 100 20.71 -14.35 32.99
C LYS A 100 20.22 -14.00 34.38
N SER A 101 19.50 -14.93 34.98
CA SER A 101 18.92 -14.80 36.32
C SER A 101 17.43 -14.59 36.11
N PHE A 102 16.62 -15.49 36.64
CA PHE A 102 15.17 -15.42 36.51
C PHE A 102 14.77 -15.93 35.13
N LYS A 103 14.49 -15.01 34.22
CA LYS A 103 14.07 -15.32 32.86
C LYS A 103 12.63 -15.82 32.87
N SER A 104 11.72 -14.93 33.21
CA SER A 104 10.30 -15.23 33.26
C SER A 104 9.47 -13.97 33.55
N PRO A 105 9.71 -12.88 32.81
CA PRO A 105 8.93 -11.66 33.04
C PRO A 105 7.49 -11.88 32.59
N GLU A 106 6.70 -10.81 32.63
CA GLU A 106 5.29 -10.93 32.24
C GLU A 106 5.08 -10.70 30.75
N PRO A 107 4.37 -11.64 30.11
CA PRO A 107 4.07 -11.58 28.67
C PRO A 107 2.93 -10.64 28.31
N ARG A 108 3.20 -9.72 27.37
CA ARG A 108 2.17 -8.81 26.92
C ARG A 108 2.09 -8.77 25.39
N LEU A 109 1.05 -8.13 24.88
CA LEU A 109 0.87 -8.04 23.44
C LEU A 109 1.32 -6.72 22.85
N PHE A 110 1.95 -6.79 21.68
CA PHE A 110 2.45 -5.60 21.00
C PHE A 110 2.10 -5.59 19.51
N THR A 111 1.90 -4.39 18.98
CA THR A 111 1.63 -4.23 17.56
C THR A 111 2.99 -4.46 16.91
N PRO A 112 3.01 -4.80 15.62
CA PRO A 112 4.32 -5.01 15.00
C PRO A 112 5.22 -3.78 15.19
N GLU A 113 4.63 -2.60 15.00
CA GLU A 113 5.34 -1.33 15.16
C GLU A 113 6.02 -1.22 16.52
N GLU A 114 5.23 -1.44 17.57
CA GLU A 114 5.72 -1.38 18.96
C GLU A 114 6.73 -2.49 19.21
N PHE A 115 6.42 -3.70 18.76
CA PHE A 115 7.33 -4.81 18.96
C PHE A 115 8.72 -4.52 18.39
N PHE A 116 8.77 -4.14 17.13
CA PHE A 116 10.06 -3.89 16.51
C PHE A 116 10.78 -2.62 16.94
N ARG A 117 10.06 -1.76 17.67
CA ARG A 117 10.65 -0.54 18.20
C ARG A 117 11.44 -1.02 19.42
N ILE A 118 10.84 -1.97 20.15
CA ILE A 118 11.47 -2.57 21.31
C ILE A 118 12.68 -3.37 20.82
N PHE A 119 12.51 -3.99 19.66
CA PHE A 119 13.58 -4.78 19.05
C PHE A 119 14.80 -3.92 18.68
N ASN A 120 14.54 -2.76 18.06
CA ASN A 120 15.60 -1.86 17.64
C ASN A 120 16.35 -1.22 18.81
N ARG A 121 15.63 -0.87 19.86
CA ARG A 121 16.25 -0.26 21.03
C ARG A 121 17.13 -1.28 21.73
N SER A 122 16.67 -2.53 21.79
CA SER A 122 17.46 -3.58 22.42
C SER A 122 18.78 -3.78 21.68
N ILE A 123 18.71 -3.84 20.35
CA ILE A 123 19.92 -4.02 19.56
C ILE A 123 20.80 -2.78 19.57
N ASP A 124 20.17 -1.62 19.54
CA ASP A 124 20.93 -0.38 19.57
C ASP A 124 21.64 -0.31 20.92
N ALA A 125 21.08 -1.01 21.90
CA ALA A 125 21.65 -1.02 23.24
C ALA A 125 23.09 -1.52 23.24
N PHE A 126 23.41 -2.44 22.33
CA PHE A 126 24.78 -2.93 22.26
C PHE A 126 25.64 -1.85 21.64
N LYS A 127 25.21 -1.33 20.49
CA LYS A 127 25.93 -0.27 19.79
C LYS A 127 26.63 0.67 20.76
N ASP A 128 25.83 1.39 21.54
CA ASP A 128 26.36 2.34 22.50
C ASP A 128 26.27 1.78 23.92
N PHE A 129 27.19 0.89 24.27
CA PHE A 129 27.19 0.27 25.58
C PHE A 129 28.60 -0.08 26.06
N VAL A 130 29.05 0.57 27.12
CA VAL A 130 30.38 0.33 27.67
C VAL A 130 30.39 0.34 29.20
N VAL A 131 29.62 1.25 29.78
CA VAL A 131 29.55 1.38 31.23
C VAL A 131 28.46 0.50 31.86
N ALA A 132 28.80 -0.76 32.10
CA ALA A 132 27.87 -1.70 32.69
C ALA A 132 27.57 -1.30 34.13
N SER A 133 28.07 -2.08 35.08
CA SER A 133 27.86 -1.78 36.50
C SER A 133 28.78 -0.66 36.97
N ASP A 137 24.15 -0.87 39.93
CA ASP A 137 23.16 -1.74 40.55
C ASP A 137 21.85 -1.72 39.77
N CYS A 138 20.98 -2.67 40.07
CA CYS A 138 19.69 -2.75 39.38
C CYS A 138 18.50 -2.85 40.35
N VAL A 139 18.80 -2.85 41.65
CA VAL A 139 17.78 -2.94 42.69
C VAL A 139 17.21 -4.35 42.80
N GLY B 2 -17.07 -16.27 -23.99
CA GLY B 2 -16.55 -15.94 -22.67
C GLY B 2 -17.64 -15.56 -21.70
N ILE B 3 -17.61 -16.15 -20.52
CA ILE B 3 -18.62 -15.86 -19.50
C ILE B 3 -18.05 -14.87 -18.49
N CYS B 4 -18.50 -13.61 -18.56
CA CYS B 4 -18.03 -12.57 -17.64
C CYS B 4 -16.55 -12.85 -17.30
N ARG B 5 -15.76 -13.10 -18.34
CA ARG B 5 -14.34 -13.40 -18.20
C ARG B 5 -13.46 -12.24 -18.63
N ASN B 6 -13.96 -11.03 -18.42
CA ASN B 6 -13.25 -9.81 -18.78
C ASN B 6 -12.38 -9.45 -17.59
N ARG B 7 -11.06 -9.52 -17.77
CA ARG B 7 -10.11 -9.23 -16.70
C ARG B 7 -10.55 -10.06 -15.48
N VAL B 8 -11.20 -11.18 -15.77
CA VAL B 8 -11.70 -12.08 -14.74
C VAL B 8 -10.80 -13.30 -14.53
N THR B 9 -9.50 -13.07 -14.53
CA THR B 9 -8.54 -14.15 -14.32
C THR B 9 -7.90 -13.95 -12.95
N ASN B 10 -8.39 -14.71 -11.97
CA ASN B 10 -7.90 -14.62 -10.60
C ASN B 10 -6.39 -14.84 -10.44
N ASN B 11 -5.90 -15.99 -10.91
CA ASN B 11 -4.48 -16.30 -10.81
C ASN B 11 -4.07 -16.46 -9.35
N VAL B 12 -4.26 -17.66 -8.83
CA VAL B 12 -3.94 -17.97 -7.43
C VAL B 12 -2.45 -17.90 -7.11
N LYS B 13 -1.62 -17.66 -8.12
CA LYS B 13 -0.17 -17.55 -7.90
C LYS B 13 0.09 -16.49 -6.84
N ASP B 14 -0.63 -15.37 -6.96
CA ASP B 14 -0.50 -14.27 -6.01
C ASP B 14 -1.18 -14.60 -4.69
N VAL B 15 -2.28 -15.31 -4.76
CA VAL B 15 -3.02 -15.69 -3.57
C VAL B 15 -2.20 -16.57 -2.62
N THR B 16 -1.55 -17.60 -3.16
CA THR B 16 -0.77 -18.49 -2.31
C THR B 16 0.36 -17.71 -1.67
N LYS B 17 1.00 -16.85 -2.46
CA LYS B 17 2.10 -16.03 -1.97
C LYS B 17 1.67 -15.16 -0.79
N LEU B 18 0.44 -14.63 -0.86
CA LEU B 18 -0.10 -13.77 0.19
C LEU B 18 -0.39 -14.59 1.44
N VAL B 19 -1.03 -15.74 1.28
CA VAL B 19 -1.33 -16.58 2.42
C VAL B 19 0.01 -16.91 3.11
N ALA B 20 1.03 -17.16 2.29
CA ALA B 20 2.38 -17.48 2.78
C ALA B 20 3.02 -16.27 3.49
N ASN B 21 2.56 -15.08 3.15
CA ASN B 21 3.11 -13.87 3.73
C ASN B 21 2.21 -13.28 4.81
N LEU B 22 1.20 -14.05 5.19
CA LEU B 22 0.25 -13.66 6.21
C LEU B 22 0.41 -14.66 7.35
N PRO B 23 0.47 -14.18 8.60
CA PRO B 23 0.60 -15.13 9.70
C PRO B 23 -0.60 -16.07 9.74
N LYS B 24 -0.32 -17.37 9.87
CA LYS B 24 -1.38 -18.39 9.93
C LYS B 24 -2.23 -18.11 11.14
N ASP B 25 -1.72 -17.21 11.97
CA ASP B 25 -2.35 -16.79 13.22
C ASP B 25 -3.35 -15.63 13.00
N TYR B 26 -3.18 -14.89 11.92
CA TYR B 26 -4.04 -13.72 11.64
C TYR B 26 -5.49 -14.04 11.36
N MET B 27 -6.38 -13.35 12.07
CA MET B 27 -7.82 -13.57 11.90
C MET B 27 -8.47 -12.48 11.05
N ILE B 28 -9.13 -12.90 9.97
CA ILE B 28 -9.79 -12.00 9.04
C ILE B 28 -11.30 -12.05 9.17
N THR B 29 -11.93 -10.88 9.23
CA THR B 29 -13.39 -10.80 9.35
C THR B 29 -14.11 -10.84 7.99
N LEU B 30 -15.18 -11.61 7.93
CA LEU B 30 -15.97 -11.75 6.72
C LEU B 30 -17.43 -12.09 7.07
N LYS B 31 -18.37 -11.30 6.52
CA LYS B 31 -19.79 -11.58 6.75
C LYS B 31 -20.10 -12.77 5.85
N TYR B 32 -20.00 -13.96 6.44
CA TYR B 32 -20.20 -15.23 5.76
C TYR B 32 -21.66 -15.69 5.65
N VAL B 33 -22.06 -16.09 4.45
CA VAL B 33 -23.42 -16.60 4.20
C VAL B 33 -23.46 -18.05 4.71
N PRO B 34 -24.28 -18.30 5.75
CA PRO B 34 -24.50 -19.57 6.44
C PRO B 34 -24.14 -20.92 5.78
N GLY B 35 -24.72 -21.25 4.63
CA GLY B 35 -24.40 -22.54 4.04
C GLY B 35 -23.96 -22.57 2.60
N MET B 36 -23.14 -21.62 2.21
CA MET B 36 -22.67 -21.55 0.83
C MET B 36 -21.84 -22.74 0.40
N ASP B 37 -21.57 -23.66 1.34
CA ASP B 37 -20.77 -24.84 1.02
C ASP B 37 -21.60 -25.99 0.44
N VAL B 38 -22.91 -25.96 0.62
CA VAL B 38 -23.80 -27.01 0.10
C VAL B 38 -24.96 -26.46 -0.72
N LEU B 39 -25.10 -25.14 -0.74
CA LEU B 39 -26.18 -24.50 -1.47
C LEU B 39 -25.77 -24.06 -2.88
N PRO B 40 -26.73 -24.06 -3.82
CA PRO B 40 -26.41 -23.65 -5.19
C PRO B 40 -25.86 -22.22 -5.16
N SER B 41 -24.91 -21.94 -6.04
CA SER B 41 -24.25 -20.63 -6.08
C SER B 41 -25.17 -19.41 -6.17
N HIS B 42 -26.30 -19.54 -6.86
CA HIS B 42 -27.19 -18.39 -7.00
C HIS B 42 -27.75 -17.94 -5.64
N CYS B 43 -27.60 -18.78 -4.63
CA CYS B 43 -28.10 -18.45 -3.29
C CYS B 43 -27.19 -17.56 -2.45
N TRP B 44 -25.91 -17.49 -2.81
CA TRP B 44 -24.95 -16.72 -2.01
C TRP B 44 -23.95 -15.82 -2.74
N ILE B 45 -23.68 -16.18 -3.99
CA ILE B 45 -22.70 -15.49 -4.82
C ILE B 45 -22.73 -13.94 -4.89
N SER B 46 -23.91 -13.33 -4.87
CA SER B 46 -23.95 -11.87 -4.95
C SER B 46 -23.50 -11.22 -3.65
N GLU B 47 -24.03 -11.73 -2.54
CA GLU B 47 -23.69 -11.23 -1.22
C GLU B 47 -22.22 -11.48 -0.87
N MET B 48 -21.73 -12.67 -1.18
CA MET B 48 -20.37 -13.04 -0.87
C MET B 48 -19.35 -12.24 -1.66
N VAL B 49 -19.62 -12.03 -2.95
CA VAL B 49 -18.71 -11.27 -3.79
C VAL B 49 -18.61 -9.87 -3.20
N VAL B 50 -19.71 -9.40 -2.63
CA VAL B 50 -19.78 -8.08 -2.01
C VAL B 50 -19.06 -8.03 -0.66
N GLN B 51 -19.14 -9.11 0.11
CA GLN B 51 -18.51 -9.16 1.41
C GLN B 51 -17.02 -9.39 1.28
N LEU B 52 -16.63 -10.15 0.26
CA LEU B 52 -15.22 -10.39 0.04
C LEU B 52 -14.56 -9.04 -0.26
N SER B 53 -15.19 -8.27 -1.13
CA SER B 53 -14.68 -6.96 -1.50
C SER B 53 -14.54 -6.07 -0.26
N ASP B 54 -15.57 -6.07 0.58
CA ASP B 54 -15.52 -5.25 1.79
C ASP B 54 -14.37 -5.69 2.70
N SER B 55 -14.18 -7.00 2.85
CA SER B 55 -13.12 -7.49 3.72
C SER B 55 -11.73 -7.14 3.19
N LEU B 56 -11.52 -7.34 1.89
CA LEU B 56 -10.23 -7.05 1.30
C LEU B 56 -9.89 -5.58 1.32
N THR B 57 -10.91 -4.76 1.11
CA THR B 57 -10.73 -3.31 1.11
C THR B 57 -10.27 -2.84 2.48
N ASP B 58 -10.84 -3.42 3.53
CA ASP B 58 -10.49 -3.07 4.90
C ASP B 58 -9.08 -3.49 5.30
N LEU B 59 -8.61 -4.58 4.74
CA LEU B 59 -7.27 -5.08 5.04
C LEU B 59 -6.20 -4.13 4.52
N LEU B 60 -6.57 -3.37 3.51
CA LEU B 60 -5.67 -2.40 2.90
C LEU B 60 -5.14 -1.49 3.98
N ASP B 61 -6.04 -1.08 4.87
CA ASP B 61 -5.73 -0.20 5.99
C ASP B 61 -4.64 -0.80 6.88
N LYS B 62 -4.54 -2.13 6.91
CA LYS B 62 -3.57 -2.80 7.77
C LYS B 62 -2.15 -2.95 7.23
N PHE B 63 -1.93 -2.50 6.00
CA PHE B 63 -0.60 -2.61 5.42
C PHE B 63 -0.08 -1.30 4.87
N SER B 64 1.22 -1.26 4.59
CA SER B 64 1.85 -0.08 4.03
C SER B 64 2.09 -0.26 2.53
N ASN B 65 1.83 0.79 1.77
CA ASN B 65 1.99 0.80 0.32
C ASN B 65 3.43 1.13 -0.05
N ILE B 66 4.31 1.16 0.94
CA ILE B 66 5.72 1.43 0.67
C ILE B 66 6.52 0.17 0.95
N SER B 67 6.86 -0.56 -0.11
CA SER B 67 7.62 -1.79 0.03
C SER B 67 8.10 -2.24 -1.35
N GLU B 68 9.41 -2.45 -1.47
CA GLU B 68 9.98 -2.91 -2.74
C GLU B 68 9.73 -4.41 -2.86
N GLY B 69 9.66 -4.91 -4.08
CA GLY B 69 9.44 -6.33 -4.30
C GLY B 69 8.14 -6.85 -3.73
N LEU B 70 8.23 -7.94 -2.97
CA LEU B 70 7.07 -8.59 -2.37
C LEU B 70 6.29 -7.64 -1.46
N SER B 71 5.09 -7.25 -1.88
CA SER B 71 4.26 -6.34 -1.10
C SER B 71 2.86 -6.90 -0.86
N ASN B 72 2.48 -7.05 0.40
CA ASN B 72 1.15 -7.55 0.71
C ASN B 72 0.08 -6.54 0.29
N TYR B 73 0.37 -5.24 0.45
CA TYR B 73 -0.58 -4.20 0.06
C TYR B 73 -0.86 -4.34 -1.46
N SER B 74 0.21 -4.50 -2.22
CA SER B 74 0.09 -4.62 -3.67
C SER B 74 -0.75 -5.80 -4.12
N ILE B 75 -0.54 -6.96 -3.51
CA ILE B 75 -1.29 -8.15 -3.86
C ILE B 75 -2.77 -7.99 -3.52
N ILE B 76 -3.05 -7.45 -2.34
CA ILE B 76 -4.44 -7.26 -1.92
C ILE B 76 -5.15 -6.30 -2.87
N ASP B 77 -4.44 -5.26 -3.29
CA ASP B 77 -5.01 -4.27 -4.21
C ASP B 77 -5.52 -4.96 -5.49
N LYS B 78 -4.67 -5.77 -6.11
CA LYS B 78 -5.04 -6.50 -7.31
C LYS B 78 -6.23 -7.42 -7.04
N LEU B 79 -6.22 -8.09 -5.88
CA LEU B 79 -7.31 -8.99 -5.53
C LEU B 79 -8.61 -8.22 -5.41
N VAL B 80 -8.53 -7.00 -4.89
CA VAL B 80 -9.69 -6.15 -4.73
C VAL B 80 -10.29 -5.77 -6.09
N ASN B 81 -9.45 -5.57 -7.09
CA ASN B 81 -9.92 -5.20 -8.41
C ASN B 81 -10.64 -6.33 -9.14
N ILE B 82 -10.13 -7.55 -9.03
CA ILE B 82 -10.79 -8.67 -9.69
C ILE B 82 -12.16 -8.90 -9.06
N VAL B 83 -12.22 -8.82 -7.73
CA VAL B 83 -13.47 -9.01 -7.02
C VAL B 83 -14.43 -7.85 -7.24
N ASP B 84 -13.89 -6.67 -7.52
CA ASP B 84 -14.75 -5.52 -7.75
C ASP B 84 -15.29 -5.57 -9.16
N ASP B 85 -14.57 -6.25 -10.05
CA ASP B 85 -15.03 -6.40 -11.41
C ASP B 85 -16.24 -7.34 -11.40
N LEU B 86 -16.23 -8.30 -10.48
CA LEU B 86 -17.31 -9.26 -10.35
C LEU B 86 -18.58 -8.57 -9.86
N VAL B 87 -18.44 -7.68 -8.89
CA VAL B 87 -19.58 -6.95 -8.34
C VAL B 87 -20.29 -6.19 -9.45
N GLU B 88 -19.66 -6.14 -10.62
CA GLU B 88 -20.23 -5.46 -11.77
C GLU B 88 -21.11 -6.40 -12.59
N CYS B 89 -20.64 -7.62 -12.86
CA CYS B 89 -21.44 -8.59 -13.62
C CYS B 89 -22.72 -8.87 -12.84
N VAL B 90 -22.75 -8.40 -11.59
CA VAL B 90 -23.91 -8.58 -10.72
C VAL B 90 -24.86 -7.39 -10.85
N LYS B 91 -24.30 -6.22 -11.15
CA LYS B 91 -25.11 -5.01 -11.29
C LYS B 91 -26.21 -5.15 -12.34
N GLU B 92 -25.87 -4.83 -13.58
CA GLU B 92 -26.82 -4.91 -14.69
C GLU B 92 -27.62 -6.21 -14.67
N ASN B 93 -27.03 -7.26 -14.11
CA ASN B 93 -27.66 -8.57 -14.02
C ASN B 93 -29.18 -8.51 -13.89
N SER B 94 -29.86 -9.00 -14.92
CA SER B 94 -31.32 -9.03 -14.95
C SER B 94 -31.80 -10.44 -14.62
N SER B 95 -30.86 -11.31 -14.29
CA SER B 95 -31.17 -12.69 -13.94
C SER B 95 -31.73 -12.75 -12.53
N LYS B 96 -32.84 -13.45 -12.36
CA LYS B 96 -33.47 -13.58 -11.05
C LYS B 96 -33.25 -15.00 -10.53
N ASP B 97 -32.51 -15.11 -9.42
CA ASP B 97 -32.23 -16.39 -8.82
C ASP B 97 -32.19 -16.25 -7.31
N LEU B 98 -31.54 -15.19 -6.84
CA LEU B 98 -31.41 -14.89 -5.42
C LEU B 98 -30.28 -13.88 -5.24
N LYS B 99 -29.91 -13.22 -6.34
CA LYS B 99 -28.84 -12.23 -6.33
C LYS B 99 -29.19 -11.03 -5.45
N LYS B 100 -29.30 -11.26 -4.15
CA LYS B 100 -29.64 -10.20 -3.21
C LYS B 100 -29.16 -10.56 -1.81
N SER B 101 -29.80 -11.55 -1.20
CA SER B 101 -29.46 -12.02 0.14
C SER B 101 -30.03 -11.11 1.23
N PHE B 102 -31.20 -10.54 0.97
CA PHE B 102 -31.87 -9.65 1.93
C PHE B 102 -30.94 -8.56 2.45
N LYS B 103 -30.34 -8.80 3.62
CA LYS B 103 -29.43 -7.85 4.24
C LYS B 103 -28.00 -8.38 4.23
N SER B 104 -27.30 -8.24 5.36
CA SER B 104 -25.91 -8.71 5.47
C SER B 104 -25.80 -9.81 6.51
N PRO B 105 -25.07 -10.89 6.18
CA PRO B 105 -24.86 -12.02 7.09
C PRO B 105 -24.14 -11.65 8.38
N GLU B 106 -23.98 -12.63 9.25
CA GLU B 106 -23.29 -12.45 10.52
C GLU B 106 -21.79 -12.47 10.24
N PRO B 107 -21.01 -11.62 10.94
CA PRO B 107 -19.56 -11.58 10.74
C PRO B 107 -18.85 -12.78 11.37
N ARG B 108 -17.86 -13.33 10.66
CA ARG B 108 -17.10 -14.47 11.18
C ARG B 108 -15.61 -14.26 10.98
N LEU B 109 -14.82 -14.89 11.83
CA LEU B 109 -13.38 -14.80 11.74
C LEU B 109 -12.84 -15.98 10.93
N PHE B 110 -11.79 -15.73 10.17
CA PHE B 110 -11.17 -16.78 9.35
C PHE B 110 -9.66 -16.55 9.27
N THR B 111 -8.90 -17.64 9.20
CA THR B 111 -7.45 -17.51 9.07
C THR B 111 -7.20 -17.19 7.60
N PRO B 112 -5.97 -16.80 7.25
CA PRO B 112 -5.72 -16.49 5.84
C PRO B 112 -6.05 -17.63 4.89
N GLU B 113 -5.62 -18.84 5.21
CA GLU B 113 -5.92 -19.94 4.30
C GLU B 113 -7.42 -20.16 4.16
N GLU B 114 -8.15 -20.08 5.26
CA GLU B 114 -9.61 -20.27 5.22
C GLU B 114 -10.28 -19.18 4.38
N PHE B 115 -9.86 -17.93 4.56
CA PHE B 115 -10.45 -16.80 3.84
C PHE B 115 -10.26 -16.89 2.33
N PHE B 116 -9.05 -17.17 1.90
CA PHE B 116 -8.79 -17.23 0.48
C PHE B 116 -9.29 -18.48 -0.22
N ARG B 117 -9.72 -19.46 0.56
CA ARG B 117 -10.29 -20.65 -0.04
C ARG B 117 -11.70 -20.22 -0.43
N ILE B 118 -12.39 -19.56 0.50
CA ILE B 118 -13.74 -19.06 0.27
C ILE B 118 -13.72 -18.05 -0.87
N PHE B 119 -12.58 -17.38 -1.02
CA PHE B 119 -12.39 -16.38 -2.05
C PHE B 119 -12.30 -17.02 -3.44
N ASN B 120 -11.36 -17.95 -3.60
CA ASN B 120 -11.20 -18.62 -4.89
C ASN B 120 -12.49 -19.32 -5.31
N ARG B 121 -13.12 -20.02 -4.37
CA ARG B 121 -14.37 -20.71 -4.67
C ARG B 121 -15.39 -19.73 -5.23
N SER B 122 -15.59 -18.62 -4.53
CA SER B 122 -16.54 -17.60 -4.95
C SER B 122 -16.25 -17.12 -6.36
N ILE B 123 -14.98 -16.85 -6.65
CA ILE B 123 -14.60 -16.39 -7.97
C ILE B 123 -14.90 -17.48 -8.98
N ASP B 124 -14.39 -18.68 -8.72
CA ASP B 124 -14.62 -19.83 -9.58
C ASP B 124 -16.12 -20.07 -9.77
N ALA B 125 -16.93 -19.54 -8.85
CA ALA B 125 -18.38 -19.69 -8.92
C ALA B 125 -18.99 -18.96 -10.12
N PHE B 126 -18.21 -18.10 -10.76
CA PHE B 126 -18.70 -17.38 -11.93
C PHE B 126 -18.55 -18.19 -13.21
N LYS B 127 -18.27 -19.48 -13.04
CA LYS B 127 -18.12 -20.38 -14.19
C LYS B 127 -19.17 -21.47 -14.03
N ASP B 128 -19.29 -21.98 -12.81
CA ASP B 128 -20.24 -23.03 -12.50
C ASP B 128 -21.57 -22.44 -12.04
N PHE B 129 -22.05 -21.45 -12.78
CA PHE B 129 -23.32 -20.80 -12.45
C PHE B 129 -24.07 -20.46 -13.74
N VAL B 130 -24.51 -21.50 -14.45
CA VAL B 130 -25.23 -21.33 -15.70
C VAL B 130 -26.68 -21.78 -15.54
N VAL B 131 -27.16 -21.82 -14.30
CA VAL B 131 -28.52 -22.25 -14.01
C VAL B 131 -29.10 -21.56 -12.78
N ALA B 132 -30.42 -21.64 -12.62
CA ALA B 132 -31.10 -21.03 -11.48
C ALA B 132 -32.43 -21.73 -11.21
N SER B 133 -33.25 -21.86 -12.23
CA SER B 133 -34.55 -22.53 -12.10
C SER B 133 -34.31 -24.03 -12.09
N GLU B 134 -33.09 -24.44 -12.44
CA GLU B 134 -32.72 -25.85 -12.49
C GLU B 134 -31.86 -26.26 -11.30
N THR B 135 -31.99 -25.55 -10.19
CA THR B 135 -31.23 -25.87 -8.99
C THR B 135 -32.16 -25.97 -7.79
N SER B 136 -31.57 -26.24 -6.63
CA SER B 136 -32.36 -26.39 -5.41
C SER B 136 -32.69 -25.06 -4.73
N ASP B 137 -33.45 -25.16 -3.65
CA ASP B 137 -33.85 -24.00 -2.86
C ASP B 137 -32.61 -23.39 -2.20
N CYS B 138 -32.83 -22.44 -1.30
CA CYS B 138 -31.70 -21.79 -0.63
C CYS B 138 -31.69 -22.06 0.88
N VAL B 139 -32.30 -23.16 1.28
CA VAL B 139 -32.37 -23.54 2.69
C VAL B 139 -31.76 -24.92 2.91
N VAL B 140 -31.39 -25.22 4.15
CA VAL B 140 -30.81 -26.51 4.49
C VAL B 140 -31.61 -27.14 5.64
N SER B 141 -32.41 -28.15 5.31
CA SER B 141 -33.22 -28.86 6.30
C SER B 141 -34.26 -29.73 5.62
N THR C 9 4.73 13.82 14.55
CA THR C 9 5.22 12.84 13.59
C THR C 9 4.19 12.57 12.50
N ASN C 10 4.68 12.40 11.26
CA ASN C 10 3.83 12.13 10.12
C ASN C 10 3.63 10.63 9.99
N ASN C 11 2.68 10.10 10.75
CA ASN C 11 2.39 8.66 10.74
C ASN C 11 2.03 8.17 9.34
N VAL C 12 2.76 7.15 8.88
CA VAL C 12 2.55 6.57 7.57
C VAL C 12 1.16 5.94 7.42
N LYS C 13 0.20 6.80 7.12
CA LYS C 13 -1.19 6.43 6.92
C LYS C 13 -1.65 7.37 5.81
N ASP C 14 -1.38 8.66 6.01
CA ASP C 14 -1.68 9.68 5.05
C ASP C 14 -0.74 9.36 3.89
N VAL C 15 0.48 9.01 4.27
CA VAL C 15 1.52 8.64 3.32
C VAL C 15 1.04 7.50 2.42
N THR C 16 0.50 6.45 3.02
CA THR C 16 0.00 5.32 2.25
C THR C 16 -1.05 5.80 1.25
N LYS C 17 -1.97 6.63 1.70
CA LYS C 17 -3.02 7.17 0.83
C LYS C 17 -2.41 8.00 -0.31
N LEU C 18 -1.45 8.86 0.03
CA LEU C 18 -0.80 9.71 -0.96
C LEU C 18 -0.07 8.91 -2.02
N VAL C 19 0.53 7.80 -1.61
CA VAL C 19 1.26 6.96 -2.54
C VAL C 19 0.33 6.22 -3.50
N ALA C 20 -0.81 5.79 -2.99
CA ALA C 20 -1.81 5.09 -3.77
C ALA C 20 -2.46 6.07 -4.75
N ASN C 21 -2.45 7.35 -4.38
CA ASN C 21 -3.03 8.41 -5.21
C ASN C 21 -2.09 9.13 -6.15
N LEU C 22 -0.82 8.75 -6.18
CA LEU C 22 0.16 9.35 -7.09
C LEU C 22 0.47 8.29 -8.13
N PRO C 23 0.63 8.69 -9.42
CA PRO C 23 0.93 7.68 -10.45
C PRO C 23 2.26 6.97 -10.19
N LYS C 24 2.24 5.64 -10.24
CA LYS C 24 3.43 4.84 -9.97
C LYS C 24 4.64 5.25 -10.80
N ASP C 25 4.39 5.78 -12.00
CA ASP C 25 5.49 6.18 -12.85
C ASP C 25 5.77 7.67 -12.75
N TYR C 26 5.25 8.33 -11.71
CA TYR C 26 5.51 9.76 -11.55
C TYR C 26 6.80 9.95 -10.75
N MET C 27 7.76 10.66 -11.34
CA MET C 27 9.04 10.87 -10.66
C MET C 27 9.10 12.17 -9.85
N ILE C 28 9.65 12.06 -8.65
CA ILE C 28 9.80 13.20 -7.76
C ILE C 28 11.29 13.48 -7.66
N THR C 29 11.66 14.76 -7.74
CA THR C 29 13.07 15.13 -7.64
C THR C 29 13.49 15.36 -6.21
N LEU C 30 14.65 14.82 -5.87
CA LEU C 30 15.19 14.97 -4.53
C LEU C 30 16.72 15.02 -4.57
N LYS C 31 17.27 16.10 -4.05
CA LYS C 31 18.73 16.22 -3.99
C LYS C 31 19.12 15.34 -2.80
N TYR C 32 19.31 14.06 -3.10
CA TYR C 32 19.67 13.03 -2.13
C TYR C 32 21.04 13.26 -1.51
N VAL C 33 21.11 13.13 -0.18
CA VAL C 33 22.36 13.31 0.56
C VAL C 33 23.05 11.94 0.65
N PRO C 34 24.21 11.79 0.01
CA PRO C 34 24.94 10.51 0.04
C PRO C 34 25.39 10.10 1.43
N GLY C 35 25.20 8.83 1.76
CA GLY C 35 25.57 8.34 3.07
C GLY C 35 24.36 8.05 3.93
N MET C 36 23.21 8.49 3.46
CA MET C 36 21.92 8.31 4.14
C MET C 36 21.70 6.88 4.63
N ASP C 37 22.39 5.93 4.02
CA ASP C 37 22.23 4.53 4.38
C ASP C 37 23.28 3.86 5.27
N VAL C 38 24.44 4.47 5.44
CA VAL C 38 25.46 3.85 6.29
C VAL C 38 26.03 4.76 7.39
N LEU C 39 25.94 6.06 7.17
CA LEU C 39 26.46 7.01 8.16
C LEU C 39 25.47 7.25 9.29
N PRO C 40 25.97 7.63 10.46
CA PRO C 40 25.06 7.89 11.59
C PRO C 40 24.21 9.13 11.30
N SER C 41 22.97 9.07 11.76
CA SER C 41 21.99 10.13 11.60
C SER C 41 22.54 11.56 11.66
N HIS C 42 23.29 11.88 12.72
CA HIS C 42 23.82 13.23 12.86
C HIS C 42 24.70 13.66 11.69
N CYS C 43 25.09 12.69 10.87
CA CYS C 43 25.92 13.00 9.72
C CYS C 43 25.12 13.46 8.52
N TRP C 44 23.82 13.14 8.48
CA TRP C 44 23.01 13.52 7.32
C TRP C 44 21.62 14.14 7.46
N ILE C 45 20.86 13.84 8.51
CA ILE C 45 19.51 14.39 8.64
C ILE C 45 19.31 15.89 8.44
N SER C 46 20.28 16.70 8.86
CA SER C 46 20.16 18.14 8.71
C SER C 46 19.88 18.51 7.26
N GLU C 47 20.80 18.15 6.37
CA GLU C 47 20.63 18.45 4.95
C GLU C 47 19.43 17.69 4.36
N MET C 48 19.23 16.45 4.77
CA MET C 48 18.12 15.67 4.23
C MET C 48 16.77 16.32 4.51
N VAL C 49 16.58 16.73 5.75
CA VAL C 49 15.34 17.37 6.16
C VAL C 49 15.13 18.63 5.33
N VAL C 50 16.20 19.39 5.13
CA VAL C 50 16.11 20.61 4.34
C VAL C 50 15.72 20.27 2.91
N GLN C 51 16.30 19.20 2.37
CA GLN C 51 16.00 18.82 1.00
C GLN C 51 14.63 18.17 0.85
N LEU C 52 14.20 17.42 1.87
CA LEU C 52 12.89 16.77 1.82
C LEU C 52 11.83 17.87 1.87
N SER C 53 12.14 18.95 2.59
CA SER C 53 11.21 20.06 2.70
C SER C 53 11.06 20.74 1.35
N ASP C 54 12.18 20.96 0.66
CA ASP C 54 12.13 21.60 -0.65
C ASP C 54 11.36 20.78 -1.67
N SER C 55 11.54 19.45 -1.63
CA SER C 55 10.85 18.54 -2.56
C SER C 55 9.35 18.52 -2.34
N LEU C 56 8.94 18.46 -1.08
CA LEU C 56 7.52 18.43 -0.78
C LEU C 56 6.87 19.75 -1.19
N THR C 57 7.53 20.86 -0.87
CA THR C 57 7.01 22.18 -1.23
C THR C 57 6.91 22.32 -2.75
N ASP C 58 7.89 21.80 -3.49
CA ASP C 58 7.84 21.87 -4.94
C ASP C 58 6.68 21.00 -5.42
N LEU C 59 6.50 19.86 -4.78
CA LEU C 59 5.43 18.93 -5.16
C LEU C 59 4.05 19.54 -4.92
N LEU C 60 3.93 20.29 -3.83
CA LEU C 60 2.66 20.91 -3.48
C LEU C 60 2.09 21.69 -4.65
N ASP C 61 2.92 22.48 -5.30
CA ASP C 61 2.49 23.28 -6.44
C ASP C 61 1.99 22.48 -7.67
N LYS C 62 2.13 21.17 -7.63
CA LYS C 62 1.66 20.36 -8.75
C LYS C 62 0.19 19.97 -8.55
N PHE C 63 -0.37 20.34 -7.41
CA PHE C 63 -1.76 20.02 -7.08
C PHE C 63 -2.55 21.23 -6.64
N SER C 64 -3.86 21.03 -6.48
CA SER C 64 -4.75 22.08 -6.01
C SER C 64 -5.67 21.43 -4.98
N ASN C 65 -6.01 22.18 -3.94
CA ASN C 65 -6.85 21.66 -2.89
C ASN C 65 -8.28 21.38 -3.34
N ILE C 66 -8.96 20.51 -2.60
CA ILE C 66 -10.34 20.13 -2.90
C ILE C 66 -11.19 20.28 -1.64
N SER C 67 -12.44 20.72 -1.80
CA SER C 67 -13.34 20.92 -0.67
C SER C 67 -13.69 19.63 0.08
N GLU C 68 -14.26 18.66 -0.63
CA GLU C 68 -14.63 17.39 -0.01
C GLU C 68 -13.58 16.32 -0.29
N GLY C 69 -13.12 15.66 0.77
CA GLY C 69 -12.12 14.60 0.60
C GLY C 69 -10.71 14.96 0.99
N LEU C 70 -9.93 13.94 1.34
CA LEU C 70 -8.53 14.14 1.72
C LEU C 70 -7.63 14.19 0.48
N SER C 71 -7.56 15.37 -0.12
CA SER C 71 -6.77 15.63 -1.31
C SER C 71 -5.27 15.38 -1.13
N ASN C 72 -4.57 15.19 -2.25
CA ASN C 72 -3.13 14.98 -2.19
C ASN C 72 -2.51 16.29 -1.70
N TYR C 73 -3.12 17.40 -2.11
CA TYR C 73 -2.64 18.72 -1.71
C TYR C 73 -2.59 18.86 -0.18
N SER C 74 -3.71 18.62 0.49
CA SER C 74 -3.73 18.76 1.95
C SER C 74 -2.82 17.76 2.66
N ILE C 75 -2.70 16.54 2.13
CA ILE C 75 -1.81 15.55 2.75
C ILE C 75 -0.38 16.07 2.64
N ILE C 76 -0.02 16.55 1.46
CA ILE C 76 1.35 17.06 1.28
C ILE C 76 1.55 18.29 2.16
N ASP C 77 0.53 19.14 2.24
CA ASP C 77 0.62 20.37 3.04
C ASP C 77 0.98 20.02 4.48
N LYS C 78 0.37 18.96 5.01
CA LYS C 78 0.68 18.52 6.38
C LYS C 78 2.13 18.04 6.48
N LEU C 79 2.57 17.27 5.48
CA LEU C 79 3.95 16.76 5.52
C LEU C 79 4.96 17.91 5.53
N VAL C 80 4.68 18.95 4.76
CA VAL C 80 5.54 20.13 4.69
C VAL C 80 5.67 20.78 6.06
N ASN C 81 4.55 20.96 6.74
CA ASN C 81 4.57 21.59 8.04
C ASN C 81 5.33 20.77 9.06
N ILE C 82 5.21 19.44 8.98
CA ILE C 82 5.96 18.61 9.90
C ILE C 82 7.44 18.73 9.58
N VAL C 83 7.78 18.63 8.29
CA VAL C 83 9.18 18.68 7.93
C VAL C 83 9.80 20.05 8.19
N ASP C 84 8.98 21.10 8.13
CA ASP C 84 9.47 22.44 8.41
C ASP C 84 9.79 22.55 9.90
N ASP C 85 8.96 21.90 10.72
CA ASP C 85 9.21 21.92 12.16
C ASP C 85 10.57 21.31 12.44
N LEU C 86 10.87 20.19 11.77
CA LEU C 86 12.14 19.51 11.94
C LEU C 86 13.29 20.37 11.45
N VAL C 87 13.05 21.17 10.42
CA VAL C 87 14.10 22.04 9.91
C VAL C 87 14.44 23.05 10.99
N GLU C 88 13.41 23.59 11.65
CA GLU C 88 13.62 24.57 12.73
C GLU C 88 14.33 23.93 13.93
N CYS C 89 14.00 22.68 14.23
CA CYS C 89 14.59 21.98 15.36
C CYS C 89 16.05 21.62 15.15
N VAL C 90 16.45 21.49 13.89
CA VAL C 90 17.82 21.16 13.55
C VAL C 90 18.70 22.40 13.58
N LYS C 91 18.07 23.58 13.53
CA LYS C 91 18.80 24.84 13.55
C LYS C 91 19.09 25.29 14.98
N GLU C 92 19.35 24.32 15.86
CA GLU C 92 19.65 24.58 17.27
C GLU C 92 19.58 23.28 18.06
N ASN C 93 20.58 22.42 17.89
CA ASN C 93 20.62 21.14 18.60
C ASN C 93 21.53 21.18 19.82
N SER C 94 22.81 20.85 19.62
CA SER C 94 23.80 20.85 20.71
C SER C 94 25.19 21.21 20.19
N SER C 95 25.77 20.28 19.42
CA SER C 95 27.10 20.46 18.85
C SER C 95 27.51 19.20 18.09
N LYS C 96 26.87 18.08 18.45
CA LYS C 96 27.16 16.80 17.82
C LYS C 96 26.23 16.56 16.63
N ASP C 97 26.32 17.45 15.64
CA ASP C 97 25.51 17.36 14.44
C ASP C 97 26.25 18.05 13.29
N LEU C 98 26.23 17.42 12.11
CA LEU C 98 26.91 17.98 10.94
C LEU C 98 25.95 18.80 10.09
N LYS C 99 25.72 20.05 10.48
CA LYS C 99 24.83 20.94 9.74
C LYS C 99 25.56 21.53 8.55
N LYS C 100 26.83 21.14 8.39
CA LYS C 100 27.66 21.63 7.28
C LYS C 100 27.11 21.20 5.92
N SER C 101 28.01 20.86 5.01
CA SER C 101 27.64 20.44 3.66
C SER C 101 27.11 21.63 2.86
N PHE C 102 26.56 22.61 3.59
CA PHE C 102 25.99 23.82 3.00
C PHE C 102 24.94 23.48 1.95
N LYS C 103 25.37 23.46 0.70
CA LYS C 103 24.50 23.14 -0.42
C LYS C 103 25.37 22.56 -1.53
N SER C 104 25.08 21.33 -1.93
CA SER C 104 25.85 20.66 -2.98
C SER C 104 25.37 19.25 -3.33
N PRO C 105 24.10 18.91 -3.05
CA PRO C 105 23.67 17.56 -3.39
C PRO C 105 23.14 17.47 -4.82
N GLU C 106 23.36 16.34 -5.47
CA GLU C 106 22.89 16.17 -6.85
C GLU C 106 21.43 15.71 -6.91
N PRO C 107 20.63 16.34 -7.77
CA PRO C 107 19.22 16.01 -7.94
C PRO C 107 19.04 14.60 -8.47
N ARG C 108 18.11 13.86 -7.88
CA ARG C 108 17.83 12.50 -8.32
C ARG C 108 16.33 12.29 -8.43
N LEU C 109 15.94 11.38 -9.31
CA LEU C 109 14.51 11.09 -9.52
C LEU C 109 14.11 9.80 -8.81
N PHE C 110 13.02 9.89 -8.06
CA PHE C 110 12.49 8.76 -7.32
C PHE C 110 11.01 8.56 -7.58
N THR C 111 10.56 7.32 -7.47
CA THR C 111 9.14 7.02 -7.62
C THR C 111 8.52 7.50 -6.31
N PRO C 112 7.20 7.71 -6.30
CA PRO C 112 6.60 8.17 -5.03
C PRO C 112 6.93 7.22 -3.86
N GLU C 113 6.86 5.93 -4.13
CA GLU C 113 7.15 4.91 -3.12
C GLU C 113 8.57 5.03 -2.57
N GLU C 114 9.53 5.22 -3.48
CA GLU C 114 10.94 5.37 -3.13
C GLU C 114 11.13 6.66 -2.33
N PHE C 115 10.55 7.75 -2.82
CA PHE C 115 10.69 9.04 -2.14
C PHE C 115 10.20 8.97 -0.70
N PHE C 116 8.99 8.47 -0.49
CA PHE C 116 8.49 8.41 0.87
C PHE C 116 9.14 7.41 1.81
N ARG C 117 9.87 6.45 1.26
CA ARG C 117 10.60 5.47 2.07
C ARG C 117 11.78 6.24 2.67
N ILE C 118 12.29 7.20 1.91
CA ILE C 118 13.40 8.02 2.36
C ILE C 118 12.83 9.05 3.34
N PHE C 119 11.64 9.58 3.03
CA PHE C 119 10.97 10.53 3.89
C PHE C 119 10.81 9.88 5.27
N ASN C 120 10.15 8.72 5.28
CA ASN C 120 9.91 7.98 6.51
C ASN C 120 11.16 7.68 7.30
N ARG C 121 12.20 7.23 6.60
CA ARG C 121 13.45 6.90 7.27
C ARG C 121 14.03 8.14 7.92
N SER C 122 13.92 9.29 7.24
CA SER C 122 14.46 10.54 7.77
C SER C 122 13.66 10.97 9.00
N ILE C 123 12.33 10.86 8.94
CA ILE C 123 11.49 11.23 10.07
C ILE C 123 11.81 10.31 11.25
N ASP C 124 11.91 9.02 10.98
CA ASP C 124 12.23 8.03 12.01
C ASP C 124 13.63 8.26 12.56
N ALA C 125 14.60 8.38 11.66
CA ALA C 125 15.99 8.58 12.04
C ALA C 125 16.22 9.99 12.56
N PHE C 126 15.16 10.60 13.06
CA PHE C 126 15.24 11.95 13.61
C PHE C 126 15.17 11.81 15.13
N LYS C 127 14.59 10.70 15.56
CA LYS C 127 14.43 10.39 16.98
C LYS C 127 15.01 8.99 17.24
N ASP C 128 14.14 8.00 17.18
CA ASP C 128 14.44 6.59 17.35
C ASP C 128 15.63 6.08 18.16
N PHE C 129 16.57 5.46 17.47
CA PHE C 129 17.74 4.83 18.10
C PHE C 129 18.91 4.67 17.11
N VAL C 130 18.75 3.68 16.23
CA VAL C 130 19.68 3.31 15.16
C VAL C 130 21.19 3.47 15.36
N VAL C 131 21.88 2.33 15.39
CA VAL C 131 23.33 2.25 15.53
C VAL C 131 23.97 3.28 16.49
N ALA C 132 25.29 3.44 16.37
CA ALA C 132 26.08 4.35 17.19
C ALA C 132 25.59 5.78 17.10
N SER C 133 24.57 6.11 17.88
CA SER C 133 23.99 7.45 17.89
C SER C 133 24.94 8.49 18.46
N GLU C 134 25.39 9.41 17.61
CA GLU C 134 26.29 10.48 18.00
C GLU C 134 27.70 10.00 18.34
N THR C 135 28.01 8.76 17.95
CA THR C 135 29.33 8.22 18.24
C THR C 135 30.31 8.55 17.11
N SER C 136 30.43 7.64 16.16
CA SER C 136 31.32 7.85 15.03
C SER C 136 31.08 9.19 14.34
N ASP C 137 32.12 10.02 14.29
CA ASP C 137 32.06 11.33 13.66
C ASP C 137 31.77 11.20 12.17
N CYS C 138 31.76 12.33 11.47
CA CYS C 138 31.48 12.33 10.04
C CYS C 138 32.71 12.72 9.23
N VAL C 139 33.13 11.83 8.34
CA VAL C 139 34.29 12.04 7.49
C VAL C 139 33.87 12.44 6.09
N THR D 9 -23.49 8.40 -19.11
CA THR D 9 -23.83 9.73 -18.59
C THR D 9 -23.71 9.76 -17.08
N ASN D 10 -22.64 10.37 -16.58
CA ASN D 10 -22.45 10.47 -15.14
C ASN D 10 -21.46 11.56 -14.72
N ASN D 11 -20.52 11.19 -13.87
CA ASN D 11 -19.51 12.10 -13.33
C ASN D 11 -19.00 13.18 -14.27
N VAL D 12 -18.59 14.28 -13.65
CA VAL D 12 -18.05 15.46 -14.31
C VAL D 12 -17.48 16.30 -13.18
N LYS D 13 -18.06 16.13 -11.99
CA LYS D 13 -17.61 16.83 -10.81
C LYS D 13 -16.44 16.01 -10.25
N ASP D 14 -16.49 14.70 -10.49
CA ASP D 14 -15.41 13.81 -10.06
C ASP D 14 -14.24 14.08 -10.98
N VAL D 15 -14.55 14.50 -12.20
CA VAL D 15 -13.52 14.82 -13.17
C VAL D 15 -12.76 16.07 -12.73
N THR D 16 -13.46 17.06 -12.19
CA THR D 16 -12.79 18.26 -11.72
C THR D 16 -11.93 17.91 -10.50
N LYS D 17 -12.42 16.98 -9.67
CA LYS D 17 -11.67 16.58 -8.50
C LYS D 17 -10.45 15.78 -8.94
N LEU D 18 -10.62 14.97 -9.98
CA LEU D 18 -9.53 14.17 -10.50
C LEU D 18 -8.42 15.07 -11.04
N VAL D 19 -8.79 16.07 -11.85
CA VAL D 19 -7.80 16.97 -12.39
C VAL D 19 -7.03 17.57 -11.23
N ALA D 20 -7.76 18.01 -10.21
CA ALA D 20 -7.14 18.62 -9.03
C ALA D 20 -6.20 17.67 -8.29
N ASN D 21 -6.50 16.37 -8.35
CA ASN D 21 -5.70 15.39 -7.67
C ASN D 21 -4.65 14.68 -8.52
N LEU D 22 -4.34 15.26 -9.69
CA LEU D 22 -3.32 14.69 -10.58
C LEU D 22 -2.22 15.74 -10.70
N PRO D 23 -0.94 15.32 -10.80
CA PRO D 23 0.12 16.33 -10.91
C PRO D 23 -0.06 17.14 -12.20
N LYS D 24 0.06 18.46 -12.09
CA LYS D 24 -0.08 19.34 -13.25
C LYS D 24 0.92 18.99 -14.36
N ASP D 25 2.04 18.36 -14.03
CA ASP D 25 3.01 18.03 -15.05
C ASP D 25 3.05 16.54 -15.47
N TYR D 26 2.03 15.78 -15.08
CA TYR D 26 1.99 14.38 -15.47
C TYR D 26 1.37 14.36 -16.87
N MET D 27 2.04 13.72 -17.82
CA MET D 27 1.54 13.65 -19.19
C MET D 27 0.81 12.35 -19.42
N ILE D 28 -0.36 12.46 -20.04
CA ILE D 28 -1.16 11.29 -20.35
C ILE D 28 -1.19 11.12 -21.87
N THR D 29 -0.91 9.92 -22.32
CA THR D 29 -0.92 9.63 -23.76
C THR D 29 -2.29 9.25 -24.29
N LEU D 30 -2.62 9.79 -25.45
CA LEU D 30 -3.89 9.54 -26.10
C LEU D 30 -3.69 9.66 -27.60
N LYS D 31 -4.12 8.65 -28.33
CA LYS D 31 -4.02 8.71 -29.77
C LYS D 31 -5.18 9.61 -30.19
N TYR D 32 -4.84 10.86 -30.50
CA TYR D 32 -5.80 11.86 -30.88
C TYR D 32 -6.25 11.64 -32.33
N VAL D 33 -7.55 11.74 -32.57
CA VAL D 33 -8.11 11.56 -33.91
C VAL D 33 -7.96 12.88 -34.68
N PRO D 34 -7.58 12.79 -35.97
CA PRO D 34 -7.38 13.92 -36.88
C PRO D 34 -8.10 15.23 -36.54
N GLY D 35 -9.14 15.55 -37.28
CA GLY D 35 -9.85 16.79 -37.04
C GLY D 35 -11.02 16.66 -36.08
N MET D 36 -10.82 15.90 -35.02
CA MET D 36 -11.86 15.65 -34.03
C MET D 36 -12.32 16.88 -33.27
N ASP D 37 -11.96 18.07 -33.73
CA ASP D 37 -12.37 19.28 -33.02
C ASP D 37 -13.28 20.13 -33.90
N VAL D 38 -13.04 20.08 -35.20
CA VAL D 38 -13.83 20.86 -36.15
C VAL D 38 -14.89 20.04 -36.88
N LEU D 39 -14.50 18.93 -37.48
CA LEU D 39 -15.44 18.08 -38.20
C LEU D 39 -16.62 17.69 -37.31
N PRO D 40 -17.74 17.27 -37.94
CA PRO D 40 -18.94 16.88 -37.20
C PRO D 40 -18.71 15.70 -36.26
N SER D 41 -19.50 15.64 -35.21
CA SER D 41 -19.40 14.57 -34.22
C SER D 41 -19.93 13.26 -34.80
N HIS D 42 -19.54 12.98 -36.05
CA HIS D 42 -19.96 11.77 -36.73
C HIS D 42 -18.70 11.07 -37.23
N CYS D 43 -17.81 11.84 -37.83
CA CYS D 43 -16.56 11.31 -38.35
C CYS D 43 -15.80 10.61 -37.22
N TRP D 44 -15.37 11.39 -36.23
CA TRP D 44 -14.64 10.83 -35.10
C TRP D 44 -15.59 10.24 -34.05
N ILE D 45 -15.36 10.60 -32.79
CA ILE D 45 -16.17 10.11 -31.67
C ILE D 45 -16.10 8.61 -31.50
N SER D 46 -16.50 7.87 -32.53
CA SER D 46 -16.47 6.41 -32.47
C SER D 46 -15.04 5.96 -32.16
N GLU D 47 -14.07 6.56 -32.85
CA GLU D 47 -12.68 6.22 -32.64
C GLU D 47 -12.18 6.84 -31.34
N MET D 48 -12.52 8.11 -31.10
CA MET D 48 -12.11 8.78 -29.88
C MET D 48 -12.49 7.97 -28.67
N VAL D 49 -13.77 7.61 -28.57
CA VAL D 49 -14.26 6.84 -27.45
C VAL D 49 -13.43 5.58 -27.21
N VAL D 50 -13.00 4.94 -28.28
CA VAL D 50 -12.17 3.74 -28.15
C VAL D 50 -10.80 4.13 -27.61
N GLN D 51 -10.29 5.27 -28.07
CA GLN D 51 -8.99 5.77 -27.64
C GLN D 51 -9.00 6.27 -26.19
N LEU D 52 -10.11 6.88 -25.78
CA LEU D 52 -10.23 7.39 -24.43
C LEU D 52 -10.27 6.23 -23.45
N SER D 53 -10.91 5.15 -23.84
CA SER D 53 -11.00 3.99 -22.97
C SER D 53 -9.62 3.36 -22.79
N ASP D 54 -8.82 3.32 -23.84
CA ASP D 54 -7.49 2.74 -23.71
C ASP D 54 -6.64 3.62 -22.83
N SER D 55 -6.68 4.92 -23.07
CA SER D 55 -5.90 5.86 -22.26
C SER D 55 -6.31 5.82 -20.79
N LEU D 56 -7.60 5.67 -20.53
CA LEU D 56 -8.12 5.62 -19.17
C LEU D 56 -7.72 4.30 -18.52
N THR D 57 -7.81 3.24 -19.30
CA THR D 57 -7.45 1.91 -18.83
C THR D 57 -5.97 1.85 -18.45
N ASP D 58 -5.12 2.47 -19.26
CA ASP D 58 -3.68 2.49 -18.98
C ASP D 58 -3.46 3.30 -17.71
N LEU D 59 -4.16 4.44 -17.62
CA LEU D 59 -4.03 5.32 -16.48
C LEU D 59 -4.41 4.60 -15.17
N LEU D 60 -5.52 3.89 -15.18
CA LEU D 60 -6.00 3.16 -14.00
C LEU D 60 -4.89 2.36 -13.33
N ASP D 61 -4.10 1.65 -14.13
CA ASP D 61 -3.02 0.84 -13.57
C ASP D 61 -1.90 1.62 -12.88
N LYS D 62 -1.97 2.95 -12.88
CA LYS D 62 -0.93 3.75 -12.22
C LYS D 62 -1.29 4.07 -10.75
N PHE D 63 -2.50 3.70 -10.35
CA PHE D 63 -2.96 3.98 -8.99
C PHE D 63 -3.37 2.69 -8.29
N SER D 64 -3.61 2.77 -6.98
CA SER D 64 -4.03 1.63 -6.18
C SER D 64 -5.23 2.04 -5.35
N ASN D 65 -5.97 1.06 -4.87
CA ASN D 65 -7.12 1.31 -4.01
C ASN D 65 -6.63 1.71 -2.62
N ILE D 66 -7.54 2.25 -1.83
CA ILE D 66 -7.24 2.63 -0.46
C ILE D 66 -8.40 2.15 0.41
N SER D 67 -8.23 2.19 1.73
CA SER D 67 -9.26 1.74 2.64
C SER D 67 -10.51 2.63 2.63
N GLU D 68 -10.32 3.94 2.47
CA GLU D 68 -11.46 4.87 2.44
C GLU D 68 -11.04 6.25 1.96
N GLY D 69 -12.02 7.09 1.67
CA GLY D 69 -11.74 8.45 1.22
C GLY D 69 -11.56 8.63 -0.28
N LEU D 70 -11.21 9.86 -0.67
CA LEU D 70 -10.98 10.24 -2.07
C LEU D 70 -9.92 9.34 -2.72
N SER D 71 -10.36 8.53 -3.68
CA SER D 71 -9.47 7.59 -4.39
C SER D 71 -9.38 7.88 -5.89
N ASN D 72 -8.19 8.21 -6.37
CA ASN D 72 -8.00 8.49 -7.79
C ASN D 72 -8.38 7.24 -8.61
N TYR D 73 -8.11 6.06 -8.05
CA TYR D 73 -8.41 4.79 -8.69
C TYR D 73 -9.91 4.57 -8.92
N SER D 74 -10.71 4.71 -7.86
CA SER D 74 -12.13 4.46 -8.02
C SER D 74 -12.76 5.44 -8.98
N ILE D 75 -12.40 6.72 -8.84
CA ILE D 75 -12.94 7.72 -9.76
C ILE D 75 -12.62 7.35 -11.22
N ILE D 76 -11.37 7.01 -11.48
CA ILE D 76 -10.98 6.64 -12.83
C ILE D 76 -11.71 5.39 -13.28
N ASP D 77 -11.96 4.47 -12.34
CA ASP D 77 -12.66 3.23 -12.66
C ASP D 77 -14.09 3.52 -13.09
N LYS D 78 -14.75 4.48 -12.45
CA LYS D 78 -16.12 4.85 -12.81
C LYS D 78 -16.05 5.31 -14.27
N LEU D 79 -15.14 6.22 -14.56
CA LEU D 79 -14.96 6.74 -15.91
C LEU D 79 -14.85 5.61 -16.91
N VAL D 80 -13.94 4.67 -16.64
CA VAL D 80 -13.79 3.55 -17.56
C VAL D 80 -15.12 2.84 -17.75
N ASN D 81 -15.92 2.74 -16.69
CA ASN D 81 -17.21 2.07 -16.78
C ASN D 81 -18.21 2.82 -17.64
N ILE D 82 -18.39 4.12 -17.37
CA ILE D 82 -19.35 4.91 -18.13
C ILE D 82 -18.98 5.04 -19.60
N VAL D 83 -17.70 4.89 -19.91
CA VAL D 83 -17.23 5.02 -21.30
C VAL D 83 -17.28 3.70 -22.04
N ASP D 84 -16.94 2.62 -21.35
CA ASP D 84 -16.98 1.30 -21.98
C ASP D 84 -18.39 0.94 -22.37
N ASP D 85 -19.37 1.61 -21.77
CA ASP D 85 -20.77 1.35 -22.10
C ASP D 85 -21.10 2.10 -23.38
N LEU D 86 -20.51 3.29 -23.53
CA LEU D 86 -20.74 4.07 -24.73
C LEU D 86 -20.13 3.30 -25.90
N VAL D 87 -19.01 2.63 -25.63
CA VAL D 87 -18.32 1.84 -26.63
C VAL D 87 -19.24 0.71 -27.08
N GLU D 88 -20.04 0.21 -26.14
CA GLU D 88 -20.98 -0.87 -26.42
C GLU D 88 -21.97 -0.41 -27.49
N CYS D 89 -22.43 0.83 -27.38
CA CYS D 89 -23.37 1.40 -28.33
C CYS D 89 -22.69 1.58 -29.69
N VAL D 90 -21.36 1.58 -29.70
CA VAL D 90 -20.58 1.73 -30.93
C VAL D 90 -20.42 0.40 -31.64
N LYS D 91 -20.05 -0.64 -30.88
CA LYS D 91 -19.88 -1.97 -31.44
C LYS D 91 -21.20 -2.39 -32.08
N GLU D 92 -22.29 -1.88 -31.50
CA GLU D 92 -23.64 -2.13 -31.95
C GLU D 92 -23.93 -1.39 -33.26
N ASN D 93 -23.46 -0.15 -33.34
CA ASN D 93 -23.65 0.69 -34.52
C ASN D 93 -22.96 0.13 -35.76
N SER D 94 -22.44 -1.08 -35.65
CA SER D 94 -21.77 -1.72 -36.79
C SER D 94 -22.82 -2.15 -37.81
N SER D 95 -24.05 -1.66 -37.62
CA SER D 95 -25.16 -2.00 -38.50
C SER D 95 -25.54 -0.85 -39.45
N LYS D 96 -25.22 -1.04 -40.74
CA LYS D 96 -25.51 -0.06 -41.79
C LYS D 96 -25.25 1.40 -41.41
N ASP D 97 -24.48 1.61 -40.35
CA ASP D 97 -24.16 2.96 -39.90
C ASP D 97 -22.65 3.16 -40.00
N LEU D 98 -22.22 4.02 -40.92
CA LEU D 98 -20.80 4.29 -41.11
C LEU D 98 -20.26 5.29 -40.10
N LYS D 99 -18.95 5.52 -40.16
CA LYS D 99 -18.25 6.45 -39.28
C LYS D 99 -16.78 6.42 -39.66
N LYS D 100 -16.44 7.08 -40.75
CA LYS D 100 -15.05 7.11 -41.23
C LYS D 100 -14.34 8.44 -41.02
N SER D 101 -13.20 8.37 -40.34
CA SER D 101 -12.37 9.54 -40.04
C SER D 101 -11.36 9.15 -38.97
N PHE D 102 -10.56 8.12 -39.26
CA PHE D 102 -9.56 7.65 -38.32
C PHE D 102 -8.44 6.88 -39.02
N LYS D 103 -7.46 7.61 -39.55
CA LYS D 103 -6.34 6.99 -40.23
C LYS D 103 -5.54 6.19 -39.21
N SER D 104 -4.58 6.86 -38.59
CA SER D 104 -3.74 6.25 -37.56
C SER D 104 -3.58 7.29 -36.46
N PRO D 105 -4.55 7.37 -35.55
CA PRO D 105 -4.47 8.35 -34.45
C PRO D 105 -3.08 8.40 -33.84
N GLU D 106 -2.33 9.45 -34.19
CA GLU D 106 -0.98 9.63 -33.67
C GLU D 106 -1.01 9.86 -32.15
N PRO D 107 -0.36 8.98 -31.38
CA PRO D 107 -0.33 9.13 -29.92
C PRO D 107 0.32 10.45 -29.52
N ARG D 108 -0.39 11.22 -28.71
CA ARG D 108 0.08 12.50 -28.24
C ARG D 108 0.05 12.56 -26.71
N LEU D 109 0.74 13.54 -26.15
CA LEU D 109 0.78 13.70 -24.72
C LEU D 109 -0.10 14.87 -24.29
N PHE D 110 -0.86 14.67 -23.22
CA PHE D 110 -1.74 15.71 -22.71
C PHE D 110 -1.59 15.86 -21.21
N THR D 111 -1.71 17.09 -20.71
CA THR D 111 -1.64 17.28 -19.27
C THR D 111 -3.02 16.82 -18.80
N PRO D 112 -3.21 16.58 -17.49
CA PRO D 112 -4.55 16.15 -17.06
C PRO D 112 -5.63 17.12 -17.54
N GLU D 113 -5.37 18.40 -17.31
CA GLU D 113 -6.27 19.47 -17.71
C GLU D 113 -6.81 19.28 -19.13
N GLU D 114 -5.91 19.24 -20.10
CA GLU D 114 -6.36 19.13 -21.49
C GLU D 114 -6.88 17.73 -21.83
N PHE D 115 -6.38 16.70 -21.18
CA PHE D 115 -6.89 15.36 -21.48
C PHE D 115 -8.37 15.28 -21.13
N PHE D 116 -8.74 15.77 -19.95
CA PHE D 116 -10.13 15.69 -19.53
C PHE D 116 -11.09 16.68 -20.16
N ARG D 117 -10.58 17.76 -20.73
CA ARG D 117 -11.47 18.69 -21.39
C ARG D 117 -11.88 17.95 -22.66
N ILE D 118 -10.94 17.18 -23.20
CA ILE D 118 -11.18 16.37 -24.39
C ILE D 118 -12.12 15.25 -24.01
N PHE D 119 -11.91 14.67 -22.82
CA PHE D 119 -12.78 13.60 -22.35
C PHE D 119 -14.22 14.09 -22.18
N ASN D 120 -14.37 15.26 -21.56
CA ASN D 120 -15.69 15.84 -21.34
C ASN D 120 -16.39 16.15 -22.66
N ARG D 121 -15.71 16.93 -23.50
CA ARG D 121 -16.25 17.28 -24.80
C ARG D 121 -16.68 16.00 -25.50
N SER D 122 -15.73 15.10 -25.68
CA SER D 122 -15.98 13.84 -26.36
C SER D 122 -17.20 13.11 -25.83
N ILE D 123 -17.33 13.04 -24.51
CA ILE D 123 -18.46 12.35 -23.90
C ILE D 123 -19.78 13.00 -24.29
N ASP D 124 -19.88 14.31 -24.12
CA ASP D 124 -21.11 15.01 -24.46
C ASP D 124 -21.37 14.89 -25.97
N ALA D 125 -20.29 14.80 -26.73
CA ALA D 125 -20.42 14.66 -28.18
C ALA D 125 -21.06 13.32 -28.48
N PHE D 126 -20.77 12.34 -27.63
CA PHE D 126 -21.33 11.00 -27.81
C PHE D 126 -22.79 11.00 -27.40
N LYS D 127 -23.17 11.95 -26.55
CA LYS D 127 -24.55 12.04 -26.09
C LYS D 127 -25.38 12.59 -27.24
N ASP D 128 -24.81 12.60 -28.44
CA ASP D 128 -25.48 13.10 -29.63
C ASP D 128 -24.93 12.44 -30.89
N PHE D 129 -24.41 11.22 -30.75
CA PHE D 129 -23.84 10.50 -31.89
C PHE D 129 -24.82 10.44 -33.07
N VAL D 130 -25.73 9.48 -33.05
CA VAL D 130 -26.72 9.35 -34.12
C VAL D 130 -28.09 9.70 -33.53
N VAL D 131 -28.07 10.35 -32.36
CA VAL D 131 -29.29 10.75 -31.68
C VAL D 131 -29.63 12.20 -32.02
N ALA D 132 -27.94 12.77 -40.42
CA ALA D 132 -26.51 13.03 -40.37
C ALA D 132 -25.81 12.56 -41.64
CA CA E . 8.94 -20.17 23.37
SM SM F . -13.60 -2.19 -12.11
SM SM G . -32.19 -27.28 0.32
SM SM H . 13.02 23.46 -5.16
SM SM I . 21.97 4.84 19.48
CA CA J . 6.18 -1.52 -4.11
C TRS K . -21.74 -1.64 -16.40
C1 TRS K . -20.57 -0.64 -16.25
C2 TRS K . -22.93 -0.92 -16.68
C3 TRS K . -21.76 -2.48 -15.12
N TRS K . -21.47 -2.52 -17.55
O1 TRS K . -20.76 0.24 -15.24
O2 TRS K . -23.50 -0.15 -15.67
O3 TRS K . -22.75 -3.47 -15.04
#